data_6CCM
#
_entry.id   6CCM
#
_cell.length_a   135.533
_cell.length_b   135.533
_cell.length_c   135.533
_cell.angle_alpha   90.000
_cell.angle_beta   90.000
_cell.angle_gamma   90.000
#
_symmetry.space_group_name_H-M   'I 2 3'
#
loop_
_entity.id
_entity.type
_entity.pdbx_description
1 polymer 'Phosphopantetheine adenylyltransferase'
2 non-polymer 2-{[(3-bromophenyl)methyl]amino}-5-methyl[1,2,4]triazolo[1,5-a]pyrimidin-7(6H)-one
3 non-polymer 'SULFATE ION'
4 water water
#
_entity_poly.entity_id   1
_entity_poly.type   'polypeptide(L)'
_entity_poly.pdbx_seq_one_letter_code
;MQKRAIYPGTFDPITNGHIDIVTRATQMFDHVILAIAASPSKKPMFTLEERVALAQQATAHLGNVEVVGFSDLMANFARN
QHATVLIRGLRAVADFEYEMQLAHMNRHLMPELESVFLMPSKEWSFISSSLVKEVARHQGDVTHFLPENVHQALMAKLAV
D
;
_entity_poly.pdbx_strand_id   A,B
#
# COMPACT_ATOMS: atom_id res chain seq x y z
N MET A 1 -0.33 -6.74 -17.79
CA MET A 1 -1.23 -7.46 -16.87
C MET A 1 -2.58 -6.76 -16.71
N GLN A 2 -3.67 -7.56 -16.71
CA GLN A 2 -5.06 -7.13 -16.57
C GLN A 2 -5.54 -7.40 -15.12
N LYS A 3 -5.08 -6.56 -14.18
CA LYS A 3 -5.31 -6.74 -12.75
C LYS A 3 -6.73 -6.44 -12.28
N ARG A 4 -7.26 -7.31 -11.43
CA ARG A 4 -8.56 -7.13 -10.77
C ARG A 4 -8.31 -6.89 -9.30
N ALA A 5 -8.81 -5.76 -8.78
CA ALA A 5 -8.62 -5.44 -7.39
C ALA A 5 -9.97 -5.34 -6.67
N ILE A 6 -9.98 -5.66 -5.36
N ILE A 6 -9.96 -5.63 -5.37
CA ILE A 6 -11.18 -5.49 -4.54
CA ILE A 6 -11.14 -5.52 -4.52
C ILE A 6 -10.88 -4.46 -3.47
C ILE A 6 -10.87 -4.48 -3.44
N TYR A 7 -11.88 -3.64 -3.16
CA TYR A 7 -11.79 -2.59 -2.13
C TYR A 7 -12.96 -2.81 -1.20
N PRO A 8 -12.76 -3.63 -0.15
CA PRO A 8 -13.89 -4.00 0.71
C PRO A 8 -14.08 -3.09 1.91
N GLY A 9 -15.30 -3.11 2.45
CA GLY A 9 -15.62 -2.31 3.61
C GLY A 9 -17.11 -2.29 3.89
N THR A 10 -17.50 -1.63 4.97
N THR A 10 -17.49 -1.62 4.95
CA THR A 10 -18.93 -1.50 5.31
CA THR A 10 -18.89 -1.49 5.34
C THR A 10 -19.54 -0.33 4.54
C THR A 10 -19.53 -0.33 4.57
N PHE A 11 -18.75 0.75 4.27
CA PHE A 11 -19.21 1.95 3.54
C PHE A 11 -20.58 2.44 4.07
N ASP A 12 -20.63 2.71 5.39
CA ASP A 12 -21.87 3.04 6.09
C ASP A 12 -21.85 4.44 6.74
N PRO A 13 -21.96 5.53 5.95
CA PRO A 13 -22.07 5.60 4.49
C PRO A 13 -20.70 5.79 3.83
N ILE A 14 -20.66 5.71 2.50
CA ILE A 14 -19.43 5.98 1.77
C ILE A 14 -19.09 7.48 1.98
N THR A 15 -17.81 7.80 2.28
CA THR A 15 -17.39 9.20 2.51
C THR A 15 -16.43 9.66 1.38
N ASN A 16 -16.04 10.94 1.40
CA ASN A 16 -15.06 11.48 0.47
C ASN A 16 -13.71 10.80 0.63
N GLY A 17 -13.42 10.27 1.82
CA GLY A 17 -12.20 9.50 2.09
C GLY A 17 -12.18 8.21 1.27
N HIS A 18 -13.32 7.50 1.24
CA HIS A 18 -13.50 6.28 0.45
C HIS A 18 -13.43 6.61 -1.05
N ILE A 19 -14.06 7.72 -1.49
CA ILE A 19 -14.03 8.13 -2.90
C ILE A 19 -12.59 8.41 -3.34
N ASP A 20 -11.81 9.11 -2.48
CA ASP A 20 -10.40 9.38 -2.73
C ASP A 20 -9.62 8.06 -2.95
N ILE A 21 -9.76 7.09 -2.03
CA ILE A 21 -9.05 5.80 -2.14
C ILE A 21 -9.42 5.05 -3.42
N VAL A 22 -10.73 4.88 -3.68
CA VAL A 22 -11.18 4.13 -4.86
C VAL A 22 -10.72 4.82 -6.16
N THR A 23 -10.68 6.17 -6.16
CA THR A 23 -10.23 6.93 -7.34
C THR A 23 -8.75 6.61 -7.62
N ARG A 24 -7.94 6.60 -6.57
CA ARG A 24 -6.51 6.28 -6.68
C ARG A 24 -6.33 4.84 -7.19
N ALA A 25 -7.15 3.88 -6.67
CA ALA A 25 -7.09 2.47 -7.07
C ALA A 25 -7.41 2.33 -8.58
N THR A 26 -8.39 3.10 -9.09
CA THR A 26 -8.75 3.02 -10.53
C THR A 26 -7.68 3.53 -11.48
N GLN A 27 -6.77 4.36 -10.98
CA GLN A 27 -5.68 4.92 -11.77
C GLN A 27 -4.51 3.92 -11.86
N MET A 28 -4.54 2.90 -10.98
CA MET A 28 -3.51 1.88 -10.84
C MET A 28 -3.86 0.53 -11.42
N PHE A 29 -5.13 0.11 -11.28
CA PHE A 29 -5.56 -1.23 -11.68
C PHE A 29 -6.68 -1.18 -12.70
N ASP A 30 -6.71 -2.18 -13.62
CA ASP A 30 -7.70 -2.22 -14.69
C ASP A 30 -9.15 -2.31 -14.25
N HIS A 31 -9.44 -3.10 -13.20
CA HIS A 31 -10.83 -3.24 -12.71
C HIS A 31 -10.85 -3.22 -11.19
N VAL A 32 -11.70 -2.35 -10.61
CA VAL A 32 -11.79 -2.21 -9.17
C VAL A 32 -13.21 -2.55 -8.72
N ILE A 33 -13.33 -3.55 -7.84
CA ILE A 33 -14.62 -3.92 -7.28
C ILE A 33 -14.73 -3.26 -5.90
N LEU A 34 -15.68 -2.34 -5.72
CA LEU A 34 -15.95 -1.72 -4.43
C LEU A 34 -16.95 -2.67 -3.77
N ALA A 35 -16.48 -3.46 -2.79
CA ALA A 35 -17.23 -4.56 -2.19
C ALA A 35 -17.81 -4.14 -0.85
N ILE A 36 -19.14 -4.15 -0.75
CA ILE A 36 -19.85 -3.71 0.46
C ILE A 36 -20.30 -4.89 1.30
N ALA A 37 -19.79 -4.99 2.54
CA ALA A 37 -20.12 -6.08 3.47
C ALA A 37 -21.61 -6.01 3.87
N ALA A 38 -22.34 -7.10 3.59
CA ALA A 38 -23.79 -7.26 3.79
C ALA A 38 -24.24 -7.21 5.22
N SER A 39 -23.64 -8.06 6.07
CA SER A 39 -24.04 -8.19 7.47
C SER A 39 -22.91 -7.89 8.46
N PRO A 40 -22.53 -6.61 8.66
CA PRO A 40 -21.49 -6.31 9.67
C PRO A 40 -21.98 -6.67 11.09
N SER A 41 -21.04 -6.99 12.01
CA SER A 41 -21.35 -7.36 13.40
C SER A 41 -22.19 -6.29 14.10
N LYS A 42 -21.94 -5.01 13.78
CA LYS A 42 -22.70 -3.88 14.31
C LYS A 42 -23.72 -3.44 13.28
N LYS A 43 -25.02 -3.47 13.64
CA LYS A 43 -26.12 -3.06 12.77
C LYS A 43 -25.80 -1.71 12.10
N PRO A 44 -25.69 -1.69 10.75
CA PRO A 44 -25.34 -0.44 10.07
C PRO A 44 -26.47 0.58 10.06
N MET A 45 -26.12 1.90 9.99
CA MET A 45 -27.09 2.99 9.92
C MET A 45 -27.93 2.87 8.65
N PHE A 46 -27.27 2.56 7.52
CA PHE A 46 -27.92 2.36 6.23
C PHE A 46 -27.96 0.85 5.92
N THR A 47 -29.06 0.39 5.30
CA THR A 47 -29.24 -1.02 4.90
C THR A 47 -28.24 -1.32 3.78
N LEU A 48 -28.02 -2.60 3.46
CA LEU A 48 -27.13 -2.96 2.35
C LEU A 48 -27.59 -2.34 1.02
N GLU A 49 -28.90 -2.40 0.72
CA GLU A 49 -29.46 -1.81 -0.50
C GLU A 49 -29.19 -0.30 -0.59
N GLU A 50 -29.35 0.43 0.55
CA GLU A 50 -29.06 1.87 0.62
C GLU A 50 -27.57 2.13 0.39
N ARG A 51 -26.69 1.37 1.08
CA ARG A 51 -25.24 1.54 0.95
C ARG A 51 -24.75 1.30 -0.49
N VAL A 52 -25.30 0.29 -1.18
CA VAL A 52 -24.95 -0.01 -2.58
C VAL A 52 -25.38 1.12 -3.53
N ALA A 53 -26.64 1.57 -3.44
CA ALA A 53 -27.17 2.64 -4.29
C ALA A 53 -26.36 3.94 -4.10
N LEU A 54 -26.04 4.29 -2.85
CA LEU A 54 -25.26 5.50 -2.59
C LEU A 54 -23.85 5.40 -3.18
N ALA A 55 -23.16 4.24 -3.00
CA ALA A 55 -21.81 4.03 -3.54
C ALA A 55 -21.81 4.02 -5.09
N GLN A 56 -22.87 3.45 -5.69
CA GLN A 56 -23.01 3.40 -7.15
C GLN A 56 -23.12 4.80 -7.74
N GLN A 57 -24.01 5.63 -7.17
CA GLN A 57 -24.21 7.01 -7.59
C GLN A 57 -22.93 7.83 -7.40
N ALA A 58 -22.26 7.66 -6.25
CA ALA A 58 -21.06 8.41 -5.91
C ALA A 58 -19.82 8.01 -6.73
N THR A 59 -19.83 6.82 -7.38
CA THR A 59 -18.70 6.32 -8.19
C THR A 59 -19.05 6.16 -9.69
N ALA A 60 -20.27 6.56 -10.09
CA ALA A 60 -20.79 6.46 -11.47
C ALA A 60 -19.84 7.06 -12.52
N HIS A 61 -19.08 8.11 -12.16
CA HIS A 61 -18.13 8.82 -13.02
C HIS A 61 -16.83 8.01 -13.29
N LEU A 62 -16.57 6.98 -12.46
CA LEU A 62 -15.39 6.12 -12.60
C LEU A 62 -15.80 4.88 -13.40
N GLY A 63 -15.37 4.83 -14.65
CA GLY A 63 -15.71 3.77 -15.59
C GLY A 63 -15.29 2.36 -15.23
N ASN A 64 -14.20 2.18 -14.47
CA ASN A 64 -13.69 0.85 -14.15
C ASN A 64 -13.97 0.40 -12.70
N VAL A 65 -15.01 0.97 -12.09
CA VAL A 65 -15.47 0.60 -10.75
C VAL A 65 -16.79 -0.18 -10.88
N GLU A 66 -16.89 -1.26 -10.15
CA GLU A 66 -18.08 -2.10 -10.06
C GLU A 66 -18.46 -2.16 -8.56
N VAL A 67 -19.67 -1.70 -8.19
CA VAL A 67 -20.10 -1.75 -6.77
C VAL A 67 -20.92 -3.04 -6.55
N VAL A 68 -20.52 -3.88 -5.58
CA VAL A 68 -21.21 -5.16 -5.32
C VAL A 68 -21.30 -5.46 -3.82
N GLY A 69 -22.38 -6.07 -3.38
CA GLY A 69 -22.53 -6.48 -2.00
C GLY A 69 -21.98 -7.89 -1.80
N PHE A 70 -21.47 -8.21 -0.59
CA PHE A 70 -20.96 -9.57 -0.30
C PHE A 70 -21.23 -9.91 1.16
N SER A 71 -21.45 -11.19 1.46
CA SER A 71 -21.79 -11.63 2.82
C SER A 71 -20.81 -12.65 3.43
N ASP A 72 -19.85 -13.11 2.65
N ASP A 72 -19.87 -13.17 2.63
CA ASP A 72 -18.86 -14.08 3.13
CA ASP A 72 -18.86 -14.15 3.05
C ASP A 72 -17.62 -13.39 3.66
C ASP A 72 -17.62 -13.43 3.61
N LEU A 73 -16.62 -14.21 4.00
CA LEU A 73 -15.32 -13.76 4.45
C LEU A 73 -14.76 -13.02 3.23
N MET A 74 -14.11 -11.83 3.43
N MET A 74 -14.22 -11.86 3.45
CA MET A 74 -13.56 -10.97 2.36
CA MET A 74 -13.68 -11.07 2.37
C MET A 74 -12.55 -11.72 1.44
C MET A 74 -12.77 -11.91 1.44
N ALA A 75 -11.79 -12.68 2.00
CA ALA A 75 -10.87 -13.49 1.18
C ALA A 75 -11.65 -14.49 0.29
N ASN A 76 -12.74 -15.12 0.83
CA ASN A 76 -13.57 -16.05 0.05
C ASN A 76 -14.21 -15.32 -1.15
N PHE A 77 -14.71 -14.09 -0.91
CA PHE A 77 -15.30 -13.29 -2.01
C PHE A 77 -14.21 -12.89 -3.03
N ALA A 78 -13.05 -12.42 -2.57
CA ALA A 78 -11.93 -12.04 -3.45
C ALA A 78 -11.54 -13.22 -4.37
N ARG A 79 -11.42 -14.42 -3.79
CA ARG A 79 -11.09 -15.64 -4.54
C ARG A 79 -12.13 -15.90 -5.64
N ASN A 80 -13.42 -15.88 -5.28
CA ASN A 80 -14.50 -16.12 -6.25
C ASN A 80 -14.57 -15.06 -7.35
N GLN A 81 -14.14 -13.84 -7.05
CA GLN A 81 -14.14 -12.71 -8.00
C GLN A 81 -12.85 -12.67 -8.83
N HIS A 82 -11.90 -13.60 -8.56
CA HIS A 82 -10.62 -13.66 -9.27
C HIS A 82 -9.81 -12.36 -9.11
N ALA A 83 -9.87 -11.79 -7.90
CA ALA A 83 -9.10 -10.61 -7.58
C ALA A 83 -7.74 -11.06 -7.06
N THR A 84 -6.66 -10.32 -7.41
CA THR A 84 -5.32 -10.63 -6.94
C THR A 84 -4.77 -9.48 -6.09
N VAL A 85 -5.55 -8.40 -5.97
CA VAL A 85 -5.16 -7.23 -5.19
C VAL A 85 -6.29 -6.84 -4.23
N LEU A 86 -5.96 -6.63 -2.93
N LEU A 86 -5.91 -6.59 -2.97
CA LEU A 86 -6.95 -6.17 -1.93
CA LEU A 86 -6.79 -6.17 -1.91
C LEU A 86 -6.52 -4.78 -1.44
C LEU A 86 -6.42 -4.73 -1.53
N ILE A 87 -7.30 -3.76 -1.82
CA ILE A 87 -7.06 -2.36 -1.49
C ILE A 87 -7.45 -2.05 -0.04
N ARG A 88 -6.51 -1.48 0.72
CA ARG A 88 -6.76 -1.00 2.09
C ARG A 88 -6.38 0.48 2.15
N GLY A 89 -7.28 1.31 2.68
CA GLY A 89 -7.01 2.73 2.84
C GLY A 89 -6.29 2.93 4.16
N LEU A 90 -5.16 3.64 4.15
CA LEU A 90 -4.39 3.89 5.36
C LEU A 90 -4.43 5.36 5.75
N ARG A 91 -5.30 5.70 6.68
CA ARG A 91 -5.40 7.09 7.16
C ARG A 91 -4.29 7.35 8.19
N ALA A 92 -4.01 8.63 8.47
CA ALA A 92 -3.01 9.04 9.46
C ALA A 92 -3.41 8.57 10.88
N VAL A 93 -4.70 8.21 11.04
CA VAL A 93 -5.31 7.80 12.30
C VAL A 93 -5.83 6.34 12.27
N ALA A 94 -5.35 5.53 11.31
CA ALA A 94 -5.74 4.12 11.19
C ALA A 94 -5.05 3.27 12.26
N ASP A 95 -5.66 2.13 12.62
CA ASP A 95 -5.09 1.19 13.58
C ASP A 95 -4.16 0.32 12.72
N PHE A 96 -2.90 0.74 12.63
CA PHE A 96 -1.90 0.05 11.82
C PHE A 96 -1.66 -1.37 12.28
N GLU A 97 -1.75 -1.60 13.60
CA GLU A 97 -1.61 -2.91 14.22
C GLU A 97 -2.72 -3.82 13.70
N TYR A 98 -3.98 -3.31 13.64
CA TYR A 98 -5.10 -4.11 13.12
C TYR A 98 -4.86 -4.43 11.65
N GLU A 99 -4.38 -3.43 10.87
CA GLU A 99 -4.11 -3.61 9.44
C GLU A 99 -3.09 -4.71 9.19
N MET A 100 -2.06 -4.79 10.05
CA MET A 100 -1.06 -5.85 9.98
C MET A 100 -1.67 -7.21 10.28
N GLN A 101 -2.52 -7.30 11.32
CA GLN A 101 -3.19 -8.56 11.67
C GLN A 101 -4.02 -9.03 10.49
N LEU A 102 -4.86 -8.10 9.97
CA LEU A 102 -5.76 -8.39 8.86
C LEU A 102 -5.02 -8.88 7.63
N ALA A 103 -3.94 -8.17 7.25
CA ALA A 103 -3.17 -8.53 6.05
C ALA A 103 -2.46 -9.87 6.20
N HIS A 104 -1.88 -10.18 7.38
CA HIS A 104 -1.26 -11.48 7.57
C HIS A 104 -2.31 -12.61 7.56
N MET A 105 -3.49 -12.36 8.14
CA MET A 105 -4.58 -13.35 8.14
C MET A 105 -5.10 -13.57 6.70
N ASN A 106 -5.33 -12.48 5.96
CA ASN A 106 -5.76 -12.56 4.55
C ASN A 106 -4.73 -13.30 3.69
N ARG A 107 -3.42 -13.13 3.98
CA ARG A 107 -2.37 -13.82 3.23
C ARG A 107 -2.40 -15.35 3.55
N HIS A 108 -2.70 -15.71 4.81
CA HIS A 108 -2.83 -17.11 5.20
C HIS A 108 -4.02 -17.74 4.44
N LEU A 109 -5.14 -17.01 4.38
CA LEU A 109 -6.38 -17.49 3.76
C LEU A 109 -6.29 -17.59 2.26
N MET A 110 -5.67 -16.59 1.63
CA MET A 110 -5.53 -16.55 0.17
C MET A 110 -4.15 -15.96 -0.18
N PRO A 111 -3.11 -16.82 -0.28
CA PRO A 111 -1.75 -16.30 -0.57
C PRO A 111 -1.61 -15.53 -1.88
N GLU A 112 -2.43 -15.86 -2.89
CA GLU A 112 -2.41 -15.20 -4.20
C GLU A 112 -3.06 -13.79 -4.19
N LEU A 113 -3.63 -13.36 -3.04
CA LEU A 113 -4.22 -12.02 -2.90
C LEU A 113 -3.22 -11.10 -2.19
N GLU A 114 -2.77 -10.05 -2.88
CA GLU A 114 -1.81 -9.13 -2.30
C GLU A 114 -2.47 -7.89 -1.71
N SER A 115 -2.23 -7.63 -0.42
CA SER A 115 -2.76 -6.43 0.23
C SER A 115 -1.95 -5.22 -0.18
N VAL A 116 -2.62 -4.18 -0.66
CA VAL A 116 -1.97 -2.94 -1.07
C VAL A 116 -2.56 -1.80 -0.26
N PHE A 117 -1.70 -1.00 0.37
CA PHE A 117 -2.14 0.11 1.20
C PHE A 117 -1.96 1.42 0.45
N LEU A 118 -3.06 2.17 0.32
CA LEU A 118 -3.08 3.46 -0.33
C LEU A 118 -3.31 4.55 0.70
N MET A 119 -2.75 5.74 0.43
N MET A 119 -2.75 5.74 0.44
CA MET A 119 -2.85 6.87 1.34
CA MET A 119 -2.84 6.87 1.37
C MET A 119 -3.85 7.91 0.84
C MET A 119 -3.83 7.92 0.86
N PRO A 120 -4.86 8.30 1.66
CA PRO A 120 -5.80 9.33 1.18
C PRO A 120 -5.15 10.71 1.26
N SER A 121 -5.79 11.69 0.64
CA SER A 121 -5.37 13.07 0.69
C SER A 121 -5.30 13.47 2.20
N LYS A 122 -4.47 14.46 2.54
CA LYS A 122 -4.38 15.00 3.91
C LYS A 122 -5.79 15.44 4.37
N GLU A 123 -6.62 15.95 3.41
CA GLU A 123 -7.99 16.43 3.66
C GLU A 123 -8.88 15.39 4.37
N TRP A 124 -8.69 14.10 4.04
CA TRP A 124 -9.52 13.01 4.58
C TRP A 124 -8.74 12.07 5.51
N SER A 125 -7.52 12.46 5.88
CA SER A 125 -6.64 11.62 6.70
C SER A 125 -6.99 11.51 8.18
N PHE A 126 -7.96 12.29 8.66
CA PHE A 126 -8.33 12.32 10.08
C PHE A 126 -9.80 12.02 10.35
N ILE A 127 -10.53 11.51 9.35
CA ILE A 127 -11.96 11.16 9.45
C ILE A 127 -12.20 9.64 9.39
N SER A 128 -13.46 9.23 9.63
CA SER A 128 -13.95 7.85 9.55
C SER A 128 -15.47 7.92 9.42
N SER A 129 -16.12 6.87 8.86
CA SER A 129 -17.58 6.83 8.78
C SER A 129 -18.15 6.92 10.20
N SER A 130 -17.48 6.25 11.17
CA SER A 130 -17.86 6.23 12.59
C SER A 130 -17.92 7.63 13.18
N LEU A 131 -16.82 8.40 13.05
CA LEU A 131 -16.75 9.78 13.53
C LEU A 131 -17.80 10.65 12.83
N VAL A 132 -17.91 10.54 11.49
CA VAL A 132 -18.90 11.30 10.71
C VAL A 132 -20.35 11.04 11.24
N LYS A 133 -20.73 9.76 11.43
CA LYS A 133 -22.08 9.41 11.92
C LYS A 133 -22.34 9.98 13.30
N GLU A 134 -21.37 9.84 14.22
CA GLU A 134 -21.46 10.32 15.60
C GLU A 134 -21.70 11.83 15.63
N VAL A 135 -20.95 12.59 14.82
CA VAL A 135 -21.07 14.05 14.71
C VAL A 135 -22.46 14.43 14.16
N ALA A 136 -22.85 13.80 13.05
CA ALA A 136 -24.13 14.08 12.39
C ALA A 136 -25.32 13.78 13.34
N ARG A 137 -25.24 12.65 14.08
CA ARG A 137 -26.26 12.24 15.05
C ARG A 137 -26.41 13.29 16.17
N HIS A 138 -25.30 13.93 16.54
CA HIS A 138 -25.23 14.95 17.60
C HIS A 138 -25.37 16.38 17.06
N GLN A 139 -25.96 16.54 15.86
CA GLN A 139 -26.30 17.82 15.24
C GLN A 139 -25.08 18.65 14.81
N GLY A 140 -24.10 17.97 14.24
CA GLY A 140 -22.89 18.60 13.73
C GLY A 140 -22.85 18.59 12.22
N ASP A 141 -22.18 19.60 11.65
CA ASP A 141 -22.06 19.75 10.20
C ASP A 141 -20.98 18.84 9.61
N VAL A 142 -21.43 17.85 8.79
CA VAL A 142 -20.53 16.91 8.13
C VAL A 142 -20.59 17.00 6.60
N THR A 143 -21.24 18.04 6.05
CA THR A 143 -21.40 18.20 4.58
C THR A 143 -20.06 18.05 3.85
N HIS A 144 -19.00 18.66 4.39
CA HIS A 144 -17.67 18.65 3.76
C HIS A 144 -17.09 17.25 3.49
N PHE A 145 -17.48 16.27 4.30
CA PHE A 145 -16.89 14.92 4.25
C PHE A 145 -17.60 13.92 3.38
N LEU A 146 -18.75 14.31 2.82
CA LEU A 146 -19.59 13.39 2.07
C LEU A 146 -19.93 13.81 0.66
N PRO A 147 -20.14 12.82 -0.25
CA PRO A 147 -20.68 13.15 -1.57
C PRO A 147 -22.09 13.72 -1.35
N GLU A 148 -22.54 14.64 -2.22
CA GLU A 148 -23.85 15.30 -2.11
C GLU A 148 -25.03 14.31 -1.92
N ASN A 149 -25.07 13.19 -2.67
CA ASN A 149 -26.17 12.20 -2.58
C ASN A 149 -26.21 11.56 -1.18
N VAL A 150 -25.04 11.32 -0.59
CA VAL A 150 -24.85 10.76 0.74
C VAL A 150 -25.33 11.76 1.80
N HIS A 151 -24.93 13.04 1.67
CA HIS A 151 -25.37 14.14 2.54
C HIS A 151 -26.91 14.21 2.57
N GLN A 152 -27.55 14.15 1.40
CA GLN A 152 -29.02 14.19 1.30
C GLN A 152 -29.66 12.97 1.98
N ALA A 153 -29.09 11.76 1.77
CA ALA A 153 -29.61 10.52 2.37
C ALA A 153 -29.43 10.50 3.88
N LEU A 154 -28.29 11.04 4.38
CA LEU A 154 -28.00 11.08 5.81
C LEU A 154 -28.96 12.04 6.52
N MET A 155 -29.23 13.21 5.93
CA MET A 155 -30.21 14.15 6.51
C MET A 155 -31.61 13.49 6.63
N ALA A 156 -32.03 12.77 5.57
CA ALA A 156 -33.33 12.06 5.56
C ALA A 156 -33.37 10.99 6.64
N LYS A 157 -32.25 10.22 6.79
CA LYS A 157 -32.14 9.14 7.78
C LYS A 157 -32.24 9.70 9.21
N LEU A 158 -31.52 10.80 9.50
CA LEU A 158 -31.51 11.42 10.82
C LEU A 158 -32.80 12.16 11.16
N ALA A 159 -33.58 12.55 10.14
CA ALA A 159 -34.84 13.27 10.38
C ALA A 159 -35.90 12.37 11.01
N VAL A 160 -35.93 11.07 10.63
CA VAL A 160 -36.85 10.06 11.18
C VAL A 160 -36.43 9.70 12.62
N GLN B 2 1.68 -0.60 -20.42
CA GLN B 2 2.70 -1.04 -19.48
C GLN B 2 2.73 -0.17 -18.20
N LYS B 3 2.44 -0.77 -17.05
CA LYS B 3 2.44 -0.06 -15.77
C LYS B 3 3.87 -0.15 -15.19
N ARG B 4 4.49 1.01 -14.89
CA ARG B 4 5.86 1.07 -14.37
C ARG B 4 5.90 1.54 -12.91
N ALA B 5 6.51 0.72 -12.04
CA ALA B 5 6.62 1.05 -10.63
C ALA B 5 8.09 1.24 -10.25
N ILE B 6 8.35 2.11 -9.30
CA ILE B 6 9.69 2.33 -8.76
C ILE B 6 9.72 1.91 -7.28
N TYR B 7 10.77 1.20 -6.90
CA TYR B 7 10.96 0.77 -5.52
C TYR B 7 12.28 1.42 -5.05
N PRO B 8 12.21 2.63 -4.47
CA PRO B 8 13.43 3.34 -4.10
C PRO B 8 13.89 3.05 -2.68
N GLY B 9 15.19 3.19 -2.45
CA GLY B 9 15.75 2.94 -1.12
C GLY B 9 17.27 3.04 -1.09
N THR B 10 17.86 2.95 0.10
CA THR B 10 19.31 3.02 0.26
C THR B 10 19.93 1.64 -0.05
N PHE B 11 19.23 0.55 0.32
CA PHE B 11 19.64 -0.82 0.04
C PHE B 11 21.13 -1.05 0.38
N ASP B 12 21.49 -0.75 1.64
CA ASP B 12 22.85 -0.81 2.16
C ASP B 12 23.08 -1.87 3.26
N PRO B 13 23.15 -3.18 2.93
CA PRO B 13 22.94 -3.80 1.62
C PRO B 13 21.50 -4.28 1.45
N ILE B 14 21.15 -4.73 0.23
CA ILE B 14 19.83 -5.31 -0.04
C ILE B 14 19.69 -6.60 0.81
N THR B 15 18.54 -6.79 1.50
CA THR B 15 18.29 -7.96 2.35
C THR B 15 17.18 -8.83 1.75
N ASN B 16 16.91 -10.00 2.37
CA ASN B 16 15.79 -10.87 1.98
C ASN B 16 14.45 -10.14 2.13
N GLY B 17 14.35 -9.17 3.05
CA GLY B 17 13.15 -8.36 3.24
C GLY B 17 12.88 -7.53 2.00
N HIS B 18 13.95 -6.93 1.45
CA HIS B 18 13.86 -6.13 0.20
C HIS B 18 13.51 -7.03 -0.99
N ILE B 19 14.09 -8.25 -1.02
CA ILE B 19 13.81 -9.20 -2.10
C ILE B 19 12.32 -9.59 -2.06
N ASP B 20 11.80 -9.83 -0.86
CA ASP B 20 10.39 -10.17 -0.66
C ASP B 20 9.51 -9.05 -1.25
N ILE B 21 9.80 -7.77 -0.91
CA ILE B 21 8.98 -6.66 -1.39
C ILE B 21 9.01 -6.51 -2.94
N VAL B 22 10.21 -6.52 -3.52
CA VAL B 22 10.37 -6.37 -4.97
C VAL B 22 9.72 -7.56 -5.71
N THR B 23 9.76 -8.79 -5.13
CA THR B 23 9.11 -9.95 -5.75
C THR B 23 7.57 -9.71 -5.79
N ARG B 24 6.99 -9.26 -4.66
CA ARG B 24 5.55 -8.94 -4.60
C ARG B 24 5.21 -7.85 -5.65
N ALA B 25 6.09 -6.83 -5.78
CA ALA B 25 5.90 -5.75 -6.75
C ALA B 25 5.84 -6.27 -8.21
N THR B 26 6.73 -7.22 -8.58
CA THR B 26 6.78 -7.79 -9.93
C THR B 26 5.58 -8.65 -10.28
N GLN B 27 4.86 -9.14 -9.26
CA GLN B 27 3.67 -9.95 -9.49
C GLN B 27 2.47 -9.05 -9.76
N MET B 28 2.59 -7.74 -9.42
CA MET B 28 1.53 -6.76 -9.54
C MET B 28 1.69 -5.82 -10.73
N PHE B 29 2.93 -5.41 -11.01
CA PHE B 29 3.21 -4.42 -12.06
C PHE B 29 4.11 -4.98 -13.16
N ASP B 30 3.91 -4.50 -14.40
CA ASP B 30 4.63 -4.96 -15.59
C ASP B 30 6.14 -4.78 -15.51
N HIS B 31 6.61 -3.62 -15.03
CA HIS B 31 8.04 -3.33 -14.94
C HIS B 31 8.32 -2.65 -13.61
N VAL B 32 9.35 -3.14 -12.90
CA VAL B 32 9.72 -2.59 -11.61
C VAL B 32 11.16 -2.08 -11.67
N ILE B 33 11.35 -0.82 -11.32
CA ILE B 33 12.67 -0.22 -11.25
C ILE B 33 13.10 -0.26 -9.77
N LEU B 34 14.13 -1.04 -9.43
CA LEU B 34 14.67 -1.06 -8.07
C LEU B 34 15.72 0.05 -8.11
N ALA B 35 15.41 1.16 -7.42
CA ALA B 35 16.18 2.39 -7.48
C ALA B 35 16.95 2.65 -6.22
N ILE B 36 18.27 2.64 -6.37
CA ILE B 36 19.17 2.77 -5.23
C ILE B 36 19.63 4.20 -5.09
N ALA B 37 19.23 4.85 -4.00
CA ALA B 37 19.63 6.22 -3.69
C ALA B 37 21.08 6.25 -3.20
N ALA B 38 21.85 7.25 -3.67
CA ALA B 38 23.25 7.45 -3.25
C ALA B 38 23.35 7.60 -1.72
N SER B 39 22.40 8.35 -1.10
CA SER B 39 22.26 8.59 0.34
C SER B 39 23.59 8.96 1.09
N PRO B 40 24.36 9.99 0.67
CA PRO B 40 25.58 10.35 1.44
C PRO B 40 25.35 10.74 2.90
N SER B 41 24.18 11.37 3.23
CA SER B 41 23.88 11.78 4.61
C SER B 41 23.85 10.60 5.59
N LYS B 42 23.55 9.40 5.08
CA LYS B 42 23.49 8.17 5.87
C LYS B 42 24.85 7.48 6.02
N LYS B 43 25.90 7.97 5.30
CA LYS B 43 27.27 7.42 5.33
C LYS B 43 27.23 5.89 5.09
N PRO B 44 26.79 5.43 3.89
CA PRO B 44 26.61 3.98 3.67
C PRO B 44 27.89 3.15 3.70
N MET B 45 27.74 1.88 4.12
CA MET B 45 28.84 0.92 4.23
C MET B 45 29.39 0.60 2.85
N PHE B 46 28.49 0.38 1.88
CA PHE B 46 28.80 0.03 0.50
C PHE B 46 28.62 1.25 -0.40
N THR B 47 29.51 1.40 -1.40
CA THR B 47 29.39 2.48 -2.37
C THR B 47 28.12 2.23 -3.20
N LEU B 48 27.65 3.26 -3.91
CA LEU B 48 26.48 3.14 -4.76
C LEU B 48 26.71 2.05 -5.82
N GLU B 49 27.91 2.04 -6.45
CA GLU B 49 28.32 1.06 -7.46
C GLU B 49 28.26 -0.37 -6.91
N GLU B 50 28.75 -0.57 -5.68
CA GLU B 50 28.68 -1.89 -5.01
C GLU B 50 27.21 -2.27 -4.74
N ARG B 51 26.40 -1.32 -4.21
CA ARG B 51 24.98 -1.60 -3.91
C ARG B 51 24.18 -1.98 -5.17
N VAL B 52 24.46 -1.29 -6.28
CA VAL B 52 23.83 -1.58 -7.57
C VAL B 52 24.20 -3.01 -8.05
N ALA B 53 25.52 -3.36 -8.02
CA ALA B 53 26.03 -4.68 -8.41
C ALA B 53 25.40 -5.80 -7.55
N LEU B 54 25.34 -5.59 -6.22
CA LEU B 54 24.74 -6.58 -5.30
C LEU B 54 23.26 -6.82 -5.61
N ALA B 55 22.50 -5.73 -5.82
CA ALA B 55 21.07 -5.82 -6.12
C ALA B 55 20.80 -6.46 -7.48
N GLN B 56 21.64 -6.14 -8.51
CA GLN B 56 21.50 -6.74 -9.83
C GLN B 56 21.65 -8.26 -9.74
N GLN B 57 22.70 -8.73 -9.04
CA GLN B 57 22.94 -10.15 -8.87
C GLN B 57 21.81 -10.81 -8.06
N ALA B 58 21.36 -10.15 -6.95
CA ALA B 58 20.30 -10.68 -6.10
C ALA B 58 18.92 -10.75 -6.79
N THR B 59 18.70 -9.94 -7.85
CA THR B 59 17.40 -9.88 -8.56
C THR B 59 17.43 -10.42 -10.00
N ALA B 60 18.57 -10.99 -10.43
CA ALA B 60 18.72 -11.52 -11.79
C ALA B 60 17.67 -12.57 -12.19
N HIS B 61 17.11 -13.31 -11.21
CA HIS B 61 16.06 -14.33 -11.43
C HIS B 61 14.68 -13.70 -11.74
N LEU B 62 14.51 -12.40 -11.47
CA LEU B 62 13.26 -11.66 -11.70
C LEU B 62 13.37 -10.90 -13.02
N GLY B 63 12.68 -11.41 -14.03
CA GLY B 63 12.71 -10.88 -15.39
C GLY B 63 12.33 -9.44 -15.61
N ASN B 64 11.37 -8.91 -14.83
CA ASN B 64 10.88 -7.55 -15.02
C ASN B 64 11.41 -6.55 -13.98
N VAL B 65 12.59 -6.83 -13.38
CA VAL B 65 13.24 -5.90 -12.44
C VAL B 65 14.44 -5.28 -13.17
N GLU B 66 14.58 -3.96 -13.05
CA GLU B 66 15.69 -3.19 -13.60
C GLU B 66 16.32 -2.46 -12.40
N VAL B 67 17.63 -2.66 -12.15
CA VAL B 67 18.31 -2.00 -11.02
C VAL B 67 19.06 -0.76 -11.52
N VAL B 68 18.75 0.42 -10.93
N VAL B 68 18.81 0.38 -10.88
CA VAL B 68 19.35 1.71 -11.32
CA VAL B 68 19.50 1.61 -11.25
C VAL B 68 19.75 2.54 -10.07
C VAL B 68 19.87 2.37 -9.99
N GLY B 69 20.93 3.16 -10.10
CA GLY B 69 21.38 4.03 -9.01
C GLY B 69 20.94 5.46 -9.30
N PHE B 70 20.74 6.30 -8.26
CA PHE B 70 20.37 7.70 -8.49
C PHE B 70 20.80 8.63 -7.36
N SER B 71 21.09 9.89 -7.70
CA SER B 71 21.46 10.90 -6.70
C SER B 71 20.44 12.05 -6.74
N ASP B 72 19.47 11.96 -7.63
CA ASP B 72 18.45 12.99 -7.83
C ASP B 72 17.42 12.98 -6.72
N LEU B 73 16.51 13.97 -6.77
CA LEU B 73 15.32 14.00 -5.92
C LEU B 73 14.54 12.76 -6.41
N MET B 74 14.04 11.89 -5.49
N MET B 74 14.07 11.94 -5.47
CA MET B 74 13.37 10.63 -5.88
CA MET B 74 13.36 10.71 -5.80
C MET B 74 12.10 10.85 -6.76
C MET B 74 12.22 10.96 -6.82
N ALA B 75 11.37 11.97 -6.56
CA ALA B 75 10.20 12.29 -7.39
C ALA B 75 10.60 12.64 -8.84
N ASN B 76 11.72 13.38 -9.03
CA ASN B 76 12.21 13.72 -10.37
C ASN B 76 12.70 12.44 -11.06
N PHE B 77 13.40 11.57 -10.31
CA PHE B 77 13.88 10.30 -10.86
C PHE B 77 12.68 9.41 -11.30
N ALA B 78 11.60 9.39 -10.50
CA ALA B 78 10.39 8.63 -10.83
C ALA B 78 9.73 9.18 -12.10
N ARG B 79 9.59 10.53 -12.21
CA ARG B 79 9.05 11.17 -13.43
C ARG B 79 9.90 10.80 -14.64
N ASN B 80 11.24 10.83 -14.46
CA ASN B 80 12.18 10.55 -15.55
C ASN B 80 12.24 9.07 -15.93
N GLN B 81 11.76 8.17 -15.06
CA GLN B 81 11.65 6.74 -15.35
C GLN B 81 10.26 6.39 -15.91
N HIS B 82 9.36 7.40 -16.07
CA HIS B 82 7.96 7.23 -16.48
C HIS B 82 7.19 6.32 -15.50
N ALA B 83 7.53 6.37 -14.20
CA ALA B 83 6.88 5.55 -13.17
C ALA B 83 5.63 6.27 -12.67
N THR B 84 4.56 5.52 -12.37
CA THR B 84 3.31 6.10 -11.82
C THR B 84 2.95 5.47 -10.48
N VAL B 85 3.79 4.53 -10.04
CA VAL B 85 3.64 3.84 -8.76
C VAL B 85 4.97 3.87 -8.02
N LEU B 86 4.93 4.19 -6.72
CA LEU B 86 6.10 4.21 -5.86
C LEU B 86 5.85 3.17 -4.75
N ILE B 87 6.65 2.11 -4.75
CA ILE B 87 6.55 1.00 -3.80
C ILE B 87 7.39 1.29 -2.54
N ARG B 88 6.81 1.04 -1.36
CA ARG B 88 7.53 1.09 -0.10
C ARG B 88 7.06 -0.08 0.77
N GLY B 89 7.97 -0.68 1.51
CA GLY B 89 7.63 -1.78 2.39
C GLY B 89 7.23 -1.26 3.75
N LEU B 90 6.23 -1.86 4.40
CA LEU B 90 5.79 -1.47 5.75
C LEU B 90 5.90 -2.65 6.71
N ARG B 91 6.87 -2.59 7.66
CA ARG B 91 7.11 -3.66 8.64
C ARG B 91 6.33 -3.48 9.94
N ALA B 92 6.28 -2.24 10.46
CA ALA B 92 5.63 -1.88 11.74
C ALA B 92 5.32 -0.37 11.86
N VAL B 93 4.67 0.05 12.98
CA VAL B 93 4.22 1.42 13.31
C VAL B 93 5.31 2.49 13.13
N ALA B 94 6.54 2.24 13.61
CA ALA B 94 7.69 3.16 13.50
C ALA B 94 7.99 3.55 12.05
N ASP B 95 7.84 2.60 11.11
CA ASP B 95 8.03 2.83 9.67
C ASP B 95 6.91 3.74 9.17
N PHE B 96 5.64 3.35 9.45
CA PHE B 96 4.39 3.99 9.02
C PHE B 96 4.41 5.52 9.11
N GLU B 97 4.74 6.08 10.29
CA GLU B 97 4.78 7.53 10.56
C GLU B 97 5.70 8.30 9.59
N TYR B 98 6.96 7.87 9.46
CA TYR B 98 7.94 8.50 8.57
C TYR B 98 7.55 8.29 7.10
N GLU B 99 6.99 7.10 6.77
CA GLU B 99 6.53 6.78 5.42
C GLU B 99 5.42 7.73 4.95
N MET B 100 4.52 8.14 5.86
N MET B 100 4.52 8.15 5.86
CA MET B 100 3.45 9.09 5.55
CA MET B 100 3.43 9.08 5.53
C MET B 100 4.01 10.44 5.15
C MET B 100 3.97 10.47 5.18
N GLN B 101 5.03 10.93 5.88
CA GLN B 101 5.68 12.23 5.61
C GLN B 101 6.29 12.22 4.21
N LEU B 102 7.06 11.17 3.90
N LEU B 102 7.05 11.15 3.89
CA LEU B 102 7.72 10.99 2.62
CA LEU B 102 7.69 11.00 2.59
C LEU B 102 6.70 10.90 1.48
C LEU B 102 6.67 10.95 1.50
N ALA B 103 5.61 10.11 1.67
CA ALA B 103 4.58 9.96 0.66
C ALA B 103 3.81 11.25 0.44
N HIS B 104 3.48 12.01 1.50
CA HIS B 104 2.79 13.29 1.29
C HIS B 104 3.69 14.31 0.58
N MET B 105 5.01 14.27 0.85
CA MET B 105 5.96 15.16 0.18
C MET B 105 6.10 14.74 -1.29
N ASN B 106 6.25 13.43 -1.56
CA ASN B 106 6.34 12.95 -2.94
C ASN B 106 5.07 13.28 -3.74
N ARG B 107 3.89 13.25 -3.08
CA ARG B 107 2.62 13.60 -3.73
C ARG B 107 2.60 15.09 -4.09
N HIS B 108 3.15 15.95 -3.21
CA HIS B 108 3.24 17.39 -3.47
C HIS B 108 4.16 17.64 -4.69
N LEU B 109 5.26 16.88 -4.80
CA LEU B 109 6.27 17.04 -5.87
C LEU B 109 5.82 16.40 -7.20
N MET B 110 5.03 15.31 -7.15
CA MET B 110 4.55 14.58 -8.34
C MET B 110 3.18 13.92 -8.00
N PRO B 111 2.07 14.67 -8.16
CA PRO B 111 0.74 14.15 -7.77
C PRO B 111 0.31 12.86 -8.46
N GLU B 112 0.80 12.59 -9.67
CA GLU B 112 0.41 11.36 -10.40
C GLU B 112 1.21 10.12 -9.98
N LEU B 113 2.23 10.30 -9.12
CA LEU B 113 3.01 9.17 -8.63
C LEU B 113 2.30 8.64 -7.37
N GLU B 114 1.66 7.48 -7.47
CA GLU B 114 0.92 6.92 -6.35
C GLU B 114 1.79 6.06 -5.47
N SER B 115 1.84 6.39 -4.16
CA SER B 115 2.61 5.58 -3.21
C SER B 115 1.76 4.37 -2.81
N VAL B 116 2.35 3.19 -2.90
CA VAL B 116 1.67 1.95 -2.51
C VAL B 116 2.56 1.24 -1.51
N PHE B 117 1.98 0.82 -0.40
CA PHE B 117 2.75 0.12 0.63
C PHE B 117 2.43 -1.34 0.59
N LEU B 118 3.46 -2.16 0.65
CA LEU B 118 3.34 -3.62 0.66
C LEU B 118 3.87 -4.12 1.99
N MET B 119 3.33 -5.25 2.45
N MET B 119 3.33 -5.25 2.45
CA MET B 119 3.73 -5.81 3.74
CA MET B 119 3.76 -5.81 3.73
C MET B 119 4.62 -7.06 3.54
C MET B 119 4.62 -7.05 3.54
N PRO B 120 5.85 -7.11 4.12
CA PRO B 120 6.68 -8.30 3.94
C PRO B 120 6.13 -9.49 4.72
N SER B 121 6.67 -10.66 4.41
CA SER B 121 6.40 -11.91 5.10
C SER B 121 6.75 -11.70 6.59
N LYS B 122 6.09 -12.48 7.46
CA LYS B 122 6.40 -12.47 8.91
C LYS B 122 7.91 -12.75 9.10
N GLU B 123 8.48 -13.62 8.22
CA GLU B 123 9.90 -14.02 8.29
C GLU B 123 10.87 -12.83 8.33
N TRP B 124 10.55 -11.73 7.59
CA TRP B 124 11.40 -10.55 7.44
C TRP B 124 10.86 -9.29 8.13
N SER B 125 9.79 -9.44 8.91
CA SER B 125 9.09 -8.33 9.56
C SER B 125 9.85 -7.65 10.70
N PHE B 126 10.96 -8.26 11.16
CA PHE B 126 11.74 -7.73 12.30
C PHE B 126 13.20 -7.45 11.96
N ILE B 127 13.54 -7.42 10.66
CA ILE B 127 14.90 -7.16 10.23
C ILE B 127 15.00 -5.83 9.46
N SER B 128 16.24 -5.34 9.30
CA SER B 128 16.58 -4.13 8.57
C SER B 128 18.05 -4.21 8.17
N SER B 129 18.47 -3.42 7.15
CA SER B 129 19.90 -3.38 6.76
C SER B 129 20.79 -3.01 7.98
N SER B 130 20.36 -2.02 8.79
N SER B 130 20.36 -2.02 8.79
CA SER B 130 21.10 -1.58 10.00
CA SER B 130 21.08 -1.57 10.00
C SER B 130 21.32 -2.71 10.99
C SER B 130 21.31 -2.70 11.01
N LEU B 131 20.24 -3.47 11.30
CA LEU B 131 20.31 -4.59 12.25
C LEU B 131 21.24 -5.69 11.74
N VAL B 132 21.14 -6.05 10.43
CA VAL B 132 21.98 -7.10 9.85
C VAL B 132 23.47 -6.65 9.93
N LYS B 133 23.77 -5.38 9.60
CA LYS B 133 25.16 -4.88 9.70
C LYS B 133 25.70 -4.91 11.14
N GLU B 134 24.86 -4.54 12.13
CA GLU B 134 25.23 -4.53 13.55
C GLU B 134 25.62 -5.95 14.00
N VAL B 135 24.80 -6.97 13.64
CA VAL B 135 25.09 -8.38 14.00
C VAL B 135 26.40 -8.79 13.31
N ALA B 136 26.53 -8.49 12.00
CA ALA B 136 27.70 -8.88 11.23
C ALA B 136 29.00 -8.22 11.72
N ARG B 137 28.94 -6.96 12.21
CA ARG B 137 30.11 -6.25 12.78
C ARG B 137 30.61 -7.03 14.02
N HIS B 138 29.72 -7.76 14.71
CA HIS B 138 30.05 -8.56 15.89
C HIS B 138 30.22 -10.03 15.56
N GLN B 139 30.37 -10.34 14.25
CA GLN B 139 30.62 -11.68 13.72
C GLN B 139 29.46 -12.67 13.91
N GLY B 140 28.25 -12.17 14.16
CA GLY B 140 27.05 -12.99 14.30
C GLY B 140 26.60 -13.50 12.94
N ASP B 141 25.98 -14.70 12.90
CA ASP B 141 25.57 -15.33 11.65
C ASP B 141 24.34 -14.62 11.02
N VAL B 142 24.51 -14.04 9.82
CA VAL B 142 23.43 -13.33 9.10
C VAL B 142 23.08 -14.02 7.76
N THR B 143 23.55 -15.28 7.57
CA THR B 143 23.29 -16.01 6.32
C THR B 143 21.79 -16.13 6.03
N HIS B 144 20.97 -16.28 7.08
CA HIS B 144 19.53 -16.44 6.90
C HIS B 144 18.84 -15.20 6.30
N PHE B 145 19.42 -14.01 6.49
CA PHE B 145 18.75 -12.76 6.13
C PHE B 145 19.14 -12.10 4.82
N LEU B 146 20.17 -12.64 4.14
CA LEU B 146 20.71 -12.02 2.94
C LEU B 146 20.84 -12.98 1.77
N PRO B 147 20.72 -12.47 0.52
CA PRO B 147 21.03 -13.33 -0.64
C PRO B 147 22.49 -13.77 -0.52
N GLU B 148 22.82 -14.94 -1.08
CA GLU B 148 24.15 -15.52 -1.01
C GLU B 148 25.27 -14.54 -1.44
N ASN B 149 25.14 -13.88 -2.61
CA ASN B 149 26.15 -12.92 -3.11
C ASN B 149 26.37 -11.75 -2.11
N VAL B 150 25.28 -11.27 -1.48
CA VAL B 150 25.31 -10.16 -0.50
C VAL B 150 26.00 -10.61 0.78
N HIS B 151 25.67 -11.83 1.24
CA HIS B 151 26.31 -12.38 2.44
C HIS B 151 27.82 -12.42 2.24
N GLN B 152 28.29 -13.01 1.11
CA GLN B 152 29.72 -13.07 0.76
C GLN B 152 30.36 -11.68 0.79
N ALA B 153 29.70 -10.69 0.15
CA ALA B 153 30.19 -9.31 0.05
C ALA B 153 30.28 -8.63 1.40
N LEU B 154 29.31 -8.88 2.28
CA LEU B 154 29.32 -8.31 3.63
C LEU B 154 30.46 -8.93 4.45
N MET B 155 30.66 -10.27 4.34
CA MET B 155 31.76 -10.95 5.05
C MET B 155 33.10 -10.39 4.58
N ALA B 156 33.27 -10.24 3.26
CA ALA B 156 34.49 -9.71 2.63
C ALA B 156 34.75 -8.26 3.03
N LYS B 157 33.70 -7.42 3.05
CA LYS B 157 33.77 -5.99 3.43
C LYS B 157 34.27 -5.85 4.88
N LEU B 158 33.74 -6.68 5.80
CA LEU B 158 34.11 -6.64 7.21
C LEU B 158 35.39 -7.43 7.54
N ALA B 159 35.92 -8.22 6.58
CA ALA B 159 37.13 -9.03 6.80
C ALA B 159 38.40 -8.19 6.96
#